data_7MXJ
#
_entry.id   7MXJ
#
_cell.length_a   37.616
_cell.length_b   55.936
_cell.length_c   123.945
_cell.angle_alpha   90.000
_cell.angle_beta   90.000
_cell.angle_gamma   90.000
#
_symmetry.space_group_name_H-M   'P 21 21 21'
#
loop_
_entity.id
_entity.type
_entity.pdbx_description
1 polymer 'Serine/threonine protein kinases'
2 non-polymer 'MAGNESIUM ION'
3 non-polymer "MAGNESIUM-5'-ADENYLY-IMIDO-TRIPHOSPHATE"
4 water water
#
_entity_poly.entity_id   1
_entity_poly.type   'polypeptide(L)'
_entity_poly.pdbx_seq_one_letter_code
;GVADGMVELPFITPKPEDELLIDPEKKRKPGVAAPQLVAGDIVAEQYEVLGVIAHGGMGWIYLANDRNVSGRIVVLKGMM
AQSSVQDQGTAEAEREFLADITHPGIVKAYNFIDDPRVPGGFIVMEYVNGPSLKDRCKAQPDGVLRVDLAIGYILELLPA
MDYLHQRGVVYNDLKPENVIATEDQVKLIDLGAVTGIGAFGYIYGTKGFQAPEVATHGPSISSDIFTIGRTLAALTMPLP
VEDGVLAPGIPSPKNSPLLRRHLSFYRLLQRATADDPQHRFRNVSELRTQLYGVLREILAVRDGK
;
_entity_poly.pdbx_strand_id   A
#
loop_
_chem_comp.id
_chem_comp.type
_chem_comp.name
_chem_comp.formula
MAP non-polymer MAGNESIUM-5'-ADENYLY-IMIDO-TRIPHOSPHATE 'C10 H16 Mg N6 O12 P3'
MG non-polymer 'MAGNESIUM ION' 'Mg 2'
#
# COMPACT_ATOMS: atom_id res chain seq x y z
N GLY A 5 19.45 -7.87 -0.54
CA GLY A 5 18.32 -8.63 -1.03
C GLY A 5 17.35 -7.81 -1.86
N MET A 6 17.87 -6.77 -2.50
CA MET A 6 17.08 -5.90 -3.35
C MET A 6 17.77 -5.74 -4.71
N VAL A 7 16.99 -5.29 -5.70
CA VAL A 7 17.48 -5.15 -7.07
C VAL A 7 17.31 -3.71 -7.52
N GLU A 8 17.64 -3.44 -8.78
CA GLU A 8 17.57 -2.10 -9.34
C GLU A 8 16.26 -1.91 -10.11
N LEU A 9 15.44 -0.97 -9.64
CA LEU A 9 14.17 -0.64 -10.27
C LEU A 9 14.36 0.47 -11.30
N PRO A 10 13.57 0.47 -12.38
CA PRO A 10 13.66 1.56 -13.35
C PRO A 10 13.21 2.88 -12.76
N PHE A 11 13.85 3.96 -13.21
CA PHE A 11 13.51 5.28 -12.70
C PHE A 11 12.19 5.73 -13.31
N ILE A 12 11.27 6.17 -12.45
CA ILE A 12 9.96 6.66 -12.87
C ILE A 12 9.94 8.17 -12.66
N THR A 13 9.85 8.91 -13.75
CA THR A 13 9.87 10.37 -13.68
C THR A 13 8.61 10.88 -13.01
N PRO A 14 8.71 11.75 -12.00
CA PRO A 14 7.50 12.26 -11.34
C PRO A 14 6.72 13.18 -12.28
N LYS A 15 5.43 13.32 -11.99
CA LYS A 15 4.60 14.20 -12.78
C LYS A 15 4.92 15.67 -12.46
N PRO A 16 4.86 16.56 -13.45
CA PRO A 16 5.00 17.99 -13.15
C PRO A 16 3.82 18.48 -12.32
N GLU A 17 4.08 19.56 -11.58
CA GLU A 17 3.07 20.04 -10.63
C GLU A 17 1.79 20.46 -11.32
N ASP A 18 1.87 20.99 -12.53
CA ASP A 18 0.69 21.39 -13.28
C ASP A 18 -0.09 20.21 -13.86
N GLU A 19 0.25 18.97 -13.48
CA GLU A 19 -0.45 17.79 -13.97
C GLU A 19 -0.86 16.85 -12.84
N LEU A 20 -0.89 17.33 -11.60
CA LEU A 20 -1.15 16.48 -10.44
C LEU A 20 -2.62 16.36 -10.09
N LEU A 21 -3.45 17.32 -10.47
CA LEU A 21 -4.84 17.39 -10.03
C LEU A 21 -5.77 16.79 -11.07
N ILE A 22 -6.90 16.28 -10.60
CA ILE A 22 -7.97 15.81 -11.48
C ILE A 22 -9.09 16.84 -11.48
N ASP A 23 -10.07 16.60 -12.33
CA ASP A 23 -11.25 17.46 -12.40
C ASP A 23 -12.38 16.84 -11.60
N PRO A 24 -12.88 17.49 -10.55
CA PRO A 24 -13.95 16.95 -9.70
C PRO A 24 -15.24 16.68 -10.48
N VAL A 32 -20.52 9.71 -5.12
CA VAL A 32 -19.65 10.86 -5.34
C VAL A 32 -20.39 12.16 -5.03
N ALA A 33 -19.67 13.10 -4.43
CA ALA A 33 -20.21 14.43 -4.15
C ALA A 33 -19.13 15.46 -4.43
N ALA A 34 -19.56 16.72 -4.54
CA ALA A 34 -18.63 17.79 -4.81
C ALA A 34 -17.60 17.91 -3.68
N PRO A 35 -16.40 18.38 -3.96
CA PRO A 35 -15.41 18.58 -2.89
C PRO A 35 -15.86 19.69 -1.94
N GLN A 36 -15.55 19.50 -0.66
CA GLN A 36 -15.85 20.53 0.33
C GLN A 36 -14.82 21.64 0.35
N LEU A 37 -13.66 21.43 -0.26
CA LEU A 37 -12.61 22.43 -0.37
C LEU A 37 -12.24 22.61 -1.83
N VAL A 38 -11.79 23.82 -2.19
CA VAL A 38 -11.40 24.14 -3.55
C VAL A 38 -10.07 24.87 -3.52
N ALA A 39 -9.47 25.00 -4.71
CA ALA A 39 -8.17 25.64 -4.85
C ALA A 39 -8.18 27.03 -4.21
N GLY A 40 -7.16 27.29 -3.39
CA GLY A 40 -7.04 28.56 -2.70
C GLY A 40 -7.49 28.54 -1.26
N ASP A 41 -8.33 27.58 -0.87
CA ASP A 41 -8.75 27.47 0.52
C ASP A 41 -7.54 27.21 1.42
N ILE A 42 -7.58 27.78 2.62
CA ILE A 42 -6.50 27.65 3.59
C ILE A 42 -7.00 26.76 4.73
N VAL A 43 -6.28 25.68 5.00
CA VAL A 43 -6.65 24.74 6.06
C VAL A 43 -5.65 24.85 7.19
N ALA A 44 -6.16 24.99 8.41
CA ALA A 44 -5.37 25.09 9.65
C ALA A 44 -4.32 26.20 9.60
N GLU A 45 -4.58 27.23 8.80
CA GLU A 45 -3.70 28.38 8.64
C GLU A 45 -2.29 27.99 8.19
N GLN A 46 -2.15 26.82 7.58
CA GLN A 46 -0.82 26.33 7.21
C GLN A 46 -0.81 25.79 5.78
N TYR A 47 -1.92 25.21 5.34
CA TYR A 47 -1.96 24.45 4.10
C TYR A 47 -2.87 25.15 3.10
N GLU A 48 -2.31 25.53 1.96
CA GLU A 48 -3.07 26.14 0.87
C GLU A 48 -3.51 25.05 -0.10
N VAL A 49 -4.83 24.86 -0.20
CA VAL A 49 -5.37 23.79 -1.02
C VAL A 49 -5.09 24.06 -2.49
N LEU A 50 -4.62 23.04 -3.21
CA LEU A 50 -4.42 23.12 -4.65
C LEU A 50 -5.56 22.49 -5.43
N GLY A 51 -6.20 21.46 -4.88
CA GLY A 51 -7.20 20.70 -5.61
C GLY A 51 -7.30 19.31 -5.01
N VAL A 52 -7.98 18.44 -5.74
CA VAL A 52 -8.17 17.06 -5.32
C VAL A 52 -7.39 16.15 -6.24
N ILE A 53 -6.92 15.03 -5.68
CA ILE A 53 -6.21 14.03 -6.47
C ILE A 53 -6.98 12.73 -6.60
N ALA A 54 -7.99 12.50 -5.75
CA ALA A 54 -8.76 11.26 -5.78
C ALA A 54 -9.96 11.41 -4.87
N HIS A 55 -10.96 10.57 -5.10
CA HIS A 55 -12.13 10.45 -4.24
C HIS A 55 -12.13 9.07 -3.61
N GLY A 56 -12.12 9.02 -2.28
CA GLY A 56 -12.08 7.74 -1.58
C GLY A 56 -13.29 7.48 -0.71
N GLY A 57 -13.21 6.44 0.11
CA GLY A 57 -14.29 6.13 1.03
C GLY A 57 -14.47 7.17 2.11
N MET A 58 -13.40 7.88 2.46
CA MET A 58 -13.44 8.96 3.43
C MET A 58 -13.79 10.31 2.80
N GLY A 59 -14.22 10.30 1.54
CA GLY A 59 -14.44 11.53 0.81
C GLY A 59 -13.29 11.86 -0.13
N TRP A 60 -13.23 13.13 -0.51
CA TRP A 60 -12.17 13.58 -1.40
C TRP A 60 -10.83 13.64 -0.69
N ILE A 61 -9.76 13.48 -1.46
CA ILE A 61 -8.39 13.53 -0.97
C ILE A 61 -7.69 14.68 -1.66
N TYR A 62 -7.24 15.65 -0.88
CA TYR A 62 -6.79 16.94 -1.38
C TYR A 62 -5.27 17.01 -1.46
N LEU A 63 -4.80 17.89 -2.35
CA LEU A 63 -3.39 18.24 -2.47
C LEU A 63 -3.21 19.70 -2.07
N ALA A 64 -2.17 19.99 -1.29
CA ALA A 64 -1.99 21.33 -0.77
C ALA A 64 -0.52 21.69 -0.70
N ASN A 65 -0.25 23.00 -0.67
CA ASN A 65 1.06 23.51 -0.29
C ASN A 65 1.16 23.58 1.23
N ASP A 66 2.26 23.09 1.79
CA ASP A 66 2.59 23.34 3.19
C ASP A 66 3.40 24.62 3.24
N ARG A 67 2.78 25.69 3.75
CA ARG A 67 3.42 27.01 3.77
C ARG A 67 4.62 27.07 4.69
N ASN A 68 4.67 26.23 5.72
CA ASN A 68 5.76 26.32 6.69
C ASN A 68 7.05 25.68 6.18
N VAL A 69 6.98 24.78 5.20
CA VAL A 69 8.15 24.07 4.70
C VAL A 69 8.29 24.36 3.22
N SER A 70 9.39 25.02 2.85
CA SER A 70 9.58 25.47 1.48
C SER A 70 9.50 24.31 0.49
N GLY A 71 8.68 24.49 -0.54
CA GLY A 71 8.56 23.54 -1.62
C GLY A 71 7.72 22.31 -1.34
N ARG A 72 7.20 22.17 -0.12
CA ARG A 72 6.56 20.92 0.28
C ARG A 72 5.12 20.84 -0.20
N ILE A 73 4.80 19.75 -0.89
CA ILE A 73 3.43 19.41 -1.28
C ILE A 73 2.95 18.28 -0.38
N VAL A 74 1.74 18.43 0.17
CA VAL A 74 1.20 17.46 1.12
C VAL A 74 -0.14 16.96 0.63
N VAL A 75 -0.55 15.82 1.19
CA VAL A 75 -1.84 15.20 0.93
C VAL A 75 -2.70 15.37 2.18
N LEU A 76 -3.94 15.80 1.99
CA LEU A 76 -4.92 15.90 3.07
C LEU A 76 -5.94 14.77 2.90
N LYS A 77 -5.93 13.81 3.83
CA LYS A 77 -6.83 12.68 3.78
C LYS A 77 -7.67 12.63 5.05
N GLY A 78 -8.94 12.27 4.91
CA GLY A 78 -9.83 12.23 6.06
C GLY A 78 -9.39 11.18 7.07
N MET A 79 -9.54 11.51 8.35
CA MET A 79 -9.26 10.59 9.43
C MET A 79 -10.52 9.86 9.84
N MET A 80 -10.33 8.69 10.45
CA MET A 80 -11.45 7.94 11.01
C MET A 80 -11.93 8.63 12.29
N ALA A 81 -13.17 9.12 12.26
CA ALA A 81 -13.71 9.86 13.40
C ALA A 81 -14.16 8.89 14.50
N ASP A 87 -10.89 9.58 25.67
CA ASP A 87 -9.63 8.86 25.67
C ASP A 87 -8.63 9.55 24.74
N GLN A 88 -8.26 10.78 25.08
CA GLN A 88 -7.29 11.50 24.27
C GLN A 88 -5.88 10.92 24.44
N GLY A 89 -5.59 10.33 25.60
CA GLY A 89 -4.25 9.80 25.83
C GLY A 89 -3.85 8.76 24.81
N THR A 90 -4.73 7.77 24.58
CA THR A 90 -4.43 6.72 23.62
C THR A 90 -4.28 7.29 22.21
N ALA A 91 -5.19 8.18 21.81
CA ALA A 91 -5.12 8.74 20.46
C ALA A 91 -3.85 9.56 20.27
N GLU A 92 -3.38 10.24 21.31
CA GLU A 92 -2.13 11.00 21.20
C GLU A 92 -0.94 10.09 20.95
N ALA A 93 -0.89 8.95 21.64
CA ALA A 93 0.24 8.05 21.46
C ALA A 93 0.25 7.43 20.06
N GLU A 94 -0.92 7.12 19.53
CA GLU A 94 -0.99 6.55 18.18
C GLU A 94 -0.56 7.56 17.13
N ARG A 95 -0.94 8.82 17.31
CA ARG A 95 -0.55 9.85 16.34
C ARG A 95 0.96 10.10 16.39
N GLU A 96 1.55 10.10 17.59
CA GLU A 96 2.98 10.29 17.72
C GLU A 96 3.76 9.14 17.10
N PHE A 97 3.23 7.92 17.21
CA PHE A 97 3.89 6.77 16.60
C PHE A 97 3.95 6.92 15.09
N LEU A 98 2.82 7.28 14.47
CA LEU A 98 2.81 7.48 13.02
C LEU A 98 3.77 8.59 12.61
N ALA A 99 3.77 9.70 13.38
CA ALA A 99 4.63 10.83 13.03
C ALA A 99 6.11 10.49 13.12
N ASP A 100 6.49 9.52 13.95
CA ASP A 100 7.90 9.22 14.19
C ASP A 100 8.45 8.11 13.30
N ILE A 101 7.64 7.54 12.40
CA ILE A 101 8.13 6.50 11.51
C ILE A 101 9.21 7.07 10.61
N THR A 102 10.41 6.46 10.64
CA THR A 102 11.58 7.01 9.97
C THR A 102 11.90 6.34 8.64
N HIS A 103 11.27 5.22 8.30
CA HIS A 103 11.71 4.44 7.16
C HIS A 103 11.36 5.15 5.85
N PRO A 104 12.28 5.24 4.89
CA PRO A 104 11.99 5.97 3.64
C PRO A 104 11.04 5.24 2.71
N GLY A 105 10.76 3.96 2.95
CA GLY A 105 9.77 3.25 2.17
C GLY A 105 8.34 3.43 2.62
N ILE A 106 8.09 4.28 3.61
CA ILE A 106 6.74 4.54 4.10
C ILE A 106 6.46 6.03 3.97
N VAL A 107 5.23 6.37 3.56
CA VAL A 107 4.85 7.77 3.45
C VAL A 107 4.97 8.44 4.82
N LYS A 108 5.43 9.69 4.82
CA LYS A 108 5.61 10.42 6.07
C LYS A 108 4.29 11.03 6.54
N ALA A 109 4.05 10.96 7.85
CA ALA A 109 2.91 11.64 8.46
C ALA A 109 3.42 12.93 9.11
N TYR A 110 2.89 14.06 8.66
CA TYR A 110 3.35 15.37 9.14
C TYR A 110 2.48 15.96 10.24
N ASN A 111 1.17 15.76 10.20
CA ASN A 111 0.28 16.49 11.09
C ASN A 111 -1.08 15.80 11.10
N PHE A 112 -1.90 16.20 12.07
CA PHE A 112 -3.29 15.77 12.20
C PHE A 112 -4.08 17.02 12.57
N ILE A 113 -4.98 17.47 11.69
CA ILE A 113 -5.62 18.76 11.86
C ILE A 113 -7.14 18.62 11.76
N ASP A 114 -7.82 19.66 12.22
CA ASP A 114 -9.27 19.81 12.10
C ASP A 114 -9.60 20.91 11.12
N ASP A 115 -10.86 20.92 10.67
CA ASP A 115 -11.32 22.00 9.79
C ASP A 115 -12.82 22.15 9.92
N PRO A 116 -13.34 23.37 10.03
CA PRO A 116 -14.81 23.54 10.19
C PRO A 116 -15.61 23.06 9.00
N ARG A 117 -14.98 22.85 7.84
CA ARG A 117 -15.68 22.41 6.65
C ARG A 117 -15.64 20.91 6.45
N VAL A 118 -14.75 20.20 7.15
CA VAL A 118 -14.63 18.75 7.04
C VAL A 118 -14.67 18.16 8.44
N PRO A 119 -15.83 17.69 8.91
CA PRO A 119 -15.96 17.33 10.33
C PRO A 119 -14.96 16.30 10.84
N GLY A 120 -14.51 15.37 9.99
CA GLY A 120 -13.65 14.32 10.48
C GLY A 120 -12.19 14.68 10.63
N GLY A 121 -11.78 15.85 10.12
CA GLY A 121 -10.38 16.24 10.16
C GLY A 121 -9.55 15.50 9.14
N PHE A 122 -8.26 15.86 9.10
CA PHE A 122 -7.32 15.32 8.11
C PHE A 122 -6.07 14.79 8.79
N ILE A 123 -5.53 13.72 8.24
CA ILE A 123 -4.13 13.41 8.44
C ILE A 123 -3.35 14.09 7.30
N VAL A 124 -2.25 14.74 7.66
CA VAL A 124 -1.42 15.44 6.68
C VAL A 124 -0.20 14.56 6.41
N MET A 125 -0.06 14.10 5.17
CA MET A 125 1.00 13.16 4.85
C MET A 125 1.74 13.60 3.59
N GLU A 126 2.92 13.02 3.41
CA GLU A 126 3.76 13.29 2.25
C GLU A 126 3.04 12.90 0.97
N TYR A 127 3.15 13.74 -0.05
CA TYR A 127 2.64 13.42 -1.37
C TYR A 127 3.72 12.64 -2.13
N VAL A 128 3.41 11.40 -2.46
CA VAL A 128 4.32 10.57 -3.26
C VAL A 128 3.93 10.73 -4.72
N ASN A 129 4.84 11.28 -5.51
CA ASN A 129 4.56 11.65 -6.89
C ASN A 129 4.99 10.50 -7.80
N GLY A 130 4.01 9.72 -8.27
CA GLY A 130 4.26 8.63 -9.17
C GLY A 130 3.05 7.75 -9.32
N PRO A 131 3.09 6.81 -10.26
CA PRO A 131 1.96 5.91 -10.45
C PRO A 131 1.97 4.81 -9.39
N SER A 132 0.77 4.36 -9.05
CA SER A 132 0.66 3.17 -8.22
C SER A 132 1.05 1.94 -9.03
N LEU A 133 1.32 0.84 -8.32
CA LEU A 133 1.62 -0.40 -9.03
C LEU A 133 0.40 -0.90 -9.81
N LYS A 134 -0.81 -0.62 -9.31
CA LYS A 134 -2.00 -0.91 -10.11
C LYS A 134 -2.01 -0.10 -11.41
N ASP A 135 -1.61 1.18 -11.33
CA ASP A 135 -1.53 1.99 -12.55
C ASP A 135 -0.54 1.41 -13.54
N ARG A 136 0.63 0.97 -13.07
CA ARG A 136 1.60 0.33 -13.96
C ARG A 136 1.02 -0.92 -14.60
N CYS A 137 0.26 -1.71 -13.83
CA CYS A 137 -0.35 -2.90 -14.39
C CYS A 137 -1.37 -2.55 -15.48
N LYS A 138 -2.18 -1.51 -15.25
CA LYS A 138 -3.23 -1.16 -16.20
C LYS A 138 -2.67 -0.60 -17.51
N ALA A 139 -1.40 -0.20 -17.52
CA ALA A 139 -0.78 0.31 -18.74
C ALA A 139 -0.18 -0.79 -19.60
N GLN A 140 -0.39 -2.07 -19.23
CA GLN A 140 0.13 -3.19 -20.00
C GLN A 140 -1.01 -3.88 -20.75
N PRO A 141 -0.72 -4.50 -21.90
CA PRO A 141 -1.80 -5.13 -22.66
C PRO A 141 -2.42 -6.33 -21.95
N ASP A 142 -1.64 -7.07 -21.17
CA ASP A 142 -2.17 -8.17 -20.37
C ASP A 142 -2.60 -7.75 -18.98
N GLY A 143 -2.50 -6.46 -18.66
CA GLY A 143 -2.90 -5.97 -17.35
C GLY A 143 -2.04 -6.44 -16.20
N VAL A 144 -0.85 -6.95 -16.49
CA VAL A 144 0.07 -7.45 -15.47
C VAL A 144 1.47 -6.96 -15.81
N LEU A 145 2.33 -6.98 -14.80
CA LEU A 145 3.74 -6.68 -14.99
C LEU A 145 4.51 -7.95 -15.34
N ARG A 146 5.66 -7.75 -15.99
CA ARG A 146 6.57 -8.87 -16.20
C ARG A 146 7.03 -9.40 -14.85
N VAL A 147 7.20 -10.72 -14.75
CA VAL A 147 7.31 -11.35 -13.45
C VAL A 147 8.55 -10.87 -12.70
N ASP A 148 9.66 -10.63 -13.43
CA ASP A 148 10.87 -10.19 -12.76
C ASP A 148 10.70 -8.78 -12.19
N LEU A 149 9.99 -7.91 -12.91
CA LEU A 149 9.73 -6.57 -12.42
C LEU A 149 8.81 -6.58 -11.19
N ALA A 150 7.74 -7.39 -11.24
CA ALA A 150 6.83 -7.48 -10.10
C ALA A 150 7.55 -7.99 -8.85
N ILE A 151 8.36 -9.04 -9.00
CA ILE A 151 9.11 -9.53 -7.84
C ILE A 151 10.05 -8.45 -7.31
N GLY A 152 10.69 -7.70 -8.21
CA GLY A 152 11.56 -6.62 -7.77
C GLY A 152 10.83 -5.56 -6.96
N TYR A 153 9.60 -5.24 -7.36
CA TYR A 153 8.82 -4.26 -6.60
C TYR A 153 8.48 -4.78 -5.21
N ILE A 154 8.13 -6.07 -5.11
CA ILE A 154 7.83 -6.66 -3.80
C ILE A 154 9.08 -6.68 -2.93
N LEU A 155 10.21 -7.10 -3.50
CA LEU A 155 11.46 -7.10 -2.74
C LEU A 155 11.79 -5.69 -2.24
N GLU A 156 11.46 -4.67 -3.03
CA GLU A 156 11.76 -3.30 -2.65
C GLU A 156 10.94 -2.84 -1.45
N LEU A 157 9.69 -3.29 -1.33
CA LEU A 157 8.83 -2.84 -0.23
C LEU A 157 8.97 -3.70 1.02
N LEU A 158 9.65 -4.83 0.94
CA LEU A 158 9.80 -5.69 2.11
C LEU A 158 10.51 -5.01 3.28
N PRO A 159 11.56 -4.20 3.10
CA PRO A 159 12.15 -3.52 4.26
C PRO A 159 11.16 -2.65 5.01
N ALA A 160 10.23 -2.01 4.28
CA ALA A 160 9.23 -1.17 4.92
C ALA A 160 8.24 -1.99 5.75
N MET A 161 7.77 -3.11 5.19
CA MET A 161 6.89 -3.99 5.96
C MET A 161 7.58 -4.50 7.21
N ASP A 162 8.86 -4.87 7.09
CA ASP A 162 9.59 -5.43 8.23
C ASP A 162 9.86 -4.38 9.29
N TYR A 163 10.12 -3.14 8.88
CA TYR A 163 10.26 -2.04 9.83
C TYR A 163 9.06 -1.96 10.76
N LEU A 164 7.85 -2.05 10.19
CA LEU A 164 6.63 -2.05 10.99
C LEU A 164 6.53 -3.27 11.87
N HIS A 165 6.77 -4.46 11.28
CA HIS A 165 6.63 -5.71 12.04
C HIS A 165 7.55 -5.74 13.25
N GLN A 166 8.79 -5.30 13.09
CA GLN A 166 9.73 -5.34 14.21
C GLN A 166 9.39 -4.31 15.28
N ARG A 167 8.49 -3.37 14.99
CA ARG A 167 7.95 -2.46 16.00
C ARG A 167 6.56 -2.87 16.46
N GLY A 168 6.15 -4.12 16.20
CA GLY A 168 4.90 -4.63 16.73
C GLY A 168 3.67 -4.17 15.98
N VAL A 169 3.82 -3.83 14.70
CA VAL A 169 2.81 -3.10 13.95
C VAL A 169 2.67 -3.76 12.59
N VAL A 170 1.47 -3.70 12.01
CA VAL A 170 1.18 -4.29 10.71
C VAL A 170 0.48 -3.28 9.82
N TYR A 171 0.63 -3.46 8.50
CA TYR A 171 0.13 -2.55 7.49
C TYR A 171 -1.31 -2.84 7.09
N ASN A 172 -1.71 -4.12 7.08
CA ASN A 172 -3.09 -4.58 6.97
C ASN A 172 -3.72 -4.48 5.58
N ASP A 173 -3.40 -3.45 4.79
CA ASP A 173 -4.11 -3.25 3.53
C ASP A 173 -3.17 -3.19 2.33
N LEU A 174 -2.12 -4.02 2.30
CA LEU A 174 -1.25 -4.02 1.14
C LEU A 174 -2.01 -4.51 -0.09
N LYS A 175 -1.90 -3.73 -1.17
CA LYS A 175 -2.46 -4.07 -2.47
C LYS A 175 -1.79 -3.15 -3.50
N PRO A 176 -1.84 -3.51 -4.78
CA PRO A 176 -1.10 -2.72 -5.79
C PRO A 176 -1.42 -1.23 -5.78
N GLU A 177 -2.62 -0.85 -5.37
CA GLU A 177 -3.00 0.55 -5.51
C GLU A 177 -2.43 1.46 -4.42
N ASN A 178 -1.98 0.92 -3.28
CA ASN A 178 -1.36 1.77 -2.27
C ASN A 178 0.16 1.53 -2.15
N VAL A 179 0.78 1.07 -3.24
CA VAL A 179 2.22 1.09 -3.40
C VAL A 179 2.52 2.01 -4.57
N ILE A 180 3.26 3.08 -4.33
CA ILE A 180 3.55 4.09 -5.34
C ILE A 180 5.00 3.97 -5.77
N ALA A 181 5.23 3.87 -7.07
CA ALA A 181 6.58 3.87 -7.62
C ALA A 181 6.99 5.31 -7.94
N THR A 182 8.03 5.79 -7.27
CA THR A 182 8.54 7.13 -7.50
C THR A 182 10.06 7.06 -7.58
N GLU A 183 10.63 7.78 -8.54
CA GLU A 183 12.07 7.76 -8.82
C GLU A 183 12.46 6.29 -8.97
N ASP A 184 13.49 5.81 -8.28
CA ASP A 184 13.85 4.40 -8.30
C ASP A 184 13.44 3.69 -7.02
N GLN A 185 12.32 4.11 -6.42
CA GLN A 185 11.85 3.59 -5.14
C GLN A 185 10.36 3.26 -5.24
N VAL A 186 9.87 2.58 -4.21
CA VAL A 186 8.44 2.46 -3.97
C VAL A 186 8.17 2.83 -2.52
N LYS A 187 6.99 3.40 -2.28
CA LYS A 187 6.57 3.80 -0.94
C LYS A 187 5.18 3.25 -0.65
N LEU A 188 4.98 2.82 0.58
CA LEU A 188 3.65 2.47 1.07
C LEU A 188 2.94 3.74 1.54
N ILE A 189 1.69 3.93 1.10
CA ILE A 189 0.98 5.18 1.37
C ILE A 189 -0.19 5.03 2.34
N ASP A 190 -0.55 3.81 2.76
CA ASP A 190 -1.79 3.64 3.53
C ASP A 190 -1.51 3.60 5.03
N LEU A 191 -1.15 4.77 5.56
CA LEU A 191 -0.93 4.88 7.00
C LEU A 191 -2.21 4.65 7.79
N GLY A 192 -3.36 4.96 7.21
CA GLY A 192 -4.62 4.82 7.94
C GLY A 192 -4.97 3.39 8.30
N ALA A 193 -4.42 2.41 7.60
CA ALA A 193 -4.75 1.01 7.87
C ALA A 193 -3.84 0.37 8.91
N VAL A 194 -2.77 1.04 9.31
CA VAL A 194 -1.80 0.46 10.22
C VAL A 194 -2.45 0.24 11.58
N THR A 195 -2.18 -0.93 12.18
CA THR A 195 -2.62 -1.24 13.54
C THR A 195 -1.51 -2.01 14.24
N GLY A 196 -1.63 -2.11 15.56
CA GLY A 196 -0.77 -3.02 16.29
C GLY A 196 -1.08 -4.46 15.95
N ILE A 197 -0.06 -5.31 16.07
CA ILE A 197 -0.29 -6.75 15.98
C ILE A 197 -1.32 -7.15 17.01
N GLY A 198 -2.30 -7.96 16.58
CA GLY A 198 -3.32 -8.43 17.50
C GLY A 198 -4.32 -7.39 17.94
N ALA A 199 -4.40 -6.25 17.26
CA ALA A 199 -5.32 -5.18 17.65
C ALA A 199 -6.75 -5.69 17.63
N PHE A 200 -7.55 -5.15 18.55
CA PHE A 200 -8.97 -5.47 18.64
C PHE A 200 -9.77 -4.61 17.67
N GLY A 201 -11.03 -5.00 17.46
CA GLY A 201 -11.94 -4.19 16.67
C GLY A 201 -11.81 -4.42 15.17
N TYR A 202 -12.51 -3.58 14.42
CA TYR A 202 -12.61 -3.76 12.97
C TYR A 202 -11.35 -3.28 12.27
N ILE A 203 -10.83 -4.11 11.38
CA ILE A 203 -9.56 -3.89 10.67
C ILE A 203 -9.86 -3.56 9.22
N TYR A 204 -9.30 -2.45 8.74
CA TYR A 204 -9.57 -1.97 7.37
C TYR A 204 -8.58 -2.58 6.38
N GLY A 205 -8.81 -3.85 6.05
CA GLY A 205 -8.18 -4.48 4.91
C GLY A 205 -9.04 -4.31 3.67
N THR A 206 -8.72 -5.08 2.65
CA THR A 206 -9.51 -5.12 1.43
C THR A 206 -9.84 -6.57 1.13
N LYS A 207 -11.13 -6.88 1.02
CA LYS A 207 -11.53 -8.24 0.71
C LYS A 207 -10.97 -8.66 -0.65
N GLY A 208 -10.43 -9.87 -0.71
CA GLY A 208 -9.67 -10.33 -1.85
C GLY A 208 -8.17 -10.32 -1.62
N PHE A 209 -7.69 -9.40 -0.78
CA PHE A 209 -6.30 -9.38 -0.33
C PHE A 209 -6.14 -9.77 1.14
N GLN A 210 -7.14 -9.54 1.97
CA GLN A 210 -7.00 -9.74 3.41
C GLN A 210 -7.04 -11.22 3.77
N ALA A 211 -6.25 -11.60 4.77
CA ALA A 211 -6.19 -12.98 5.21
C ALA A 211 -7.52 -13.42 5.81
N PRO A 212 -7.90 -14.68 5.63
CA PRO A 212 -9.22 -15.12 6.10
C PRO A 212 -9.39 -15.09 7.61
N GLU A 213 -8.31 -15.18 8.38
CA GLU A 213 -8.44 -15.27 9.83
C GLU A 213 -8.57 -13.91 10.52
N VAL A 214 -8.31 -12.81 9.80
CA VAL A 214 -8.24 -11.50 10.44
C VAL A 214 -9.58 -11.14 11.08
N ALA A 215 -10.69 -11.42 10.39
CA ALA A 215 -12.00 -10.98 10.86
C ALA A 215 -12.40 -11.63 12.18
N THR A 216 -11.75 -12.72 12.57
CA THR A 216 -12.05 -13.41 13.82
C THR A 216 -10.89 -13.50 14.80
N HIS A 217 -9.64 -13.41 14.33
CA HIS A 217 -8.48 -13.56 15.20
C HIS A 217 -7.61 -12.32 15.30
N GLY A 218 -7.92 -11.25 14.58
CA GLY A 218 -7.11 -10.06 14.60
C GLY A 218 -5.91 -10.19 13.67
N PRO A 219 -5.21 -9.07 13.43
CA PRO A 219 -4.10 -9.07 12.48
C PRO A 219 -2.79 -9.50 13.10
N SER A 220 -1.84 -9.87 12.23
CA SER A 220 -0.56 -10.40 12.66
C SER A 220 0.44 -10.22 11.54
N ILE A 221 1.70 -10.54 11.83
CA ILE A 221 2.71 -10.56 10.77
C ILE A 221 2.29 -11.55 9.68
N SER A 222 1.69 -12.67 10.09
CA SER A 222 1.30 -13.70 9.12
C SER A 222 0.19 -13.19 8.20
N SER A 223 -0.73 -12.36 8.71
CA SER A 223 -1.76 -11.83 7.84
C SER A 223 -1.21 -10.79 6.87
N ASP A 224 -0.17 -10.04 7.29
CA ASP A 224 0.55 -9.20 6.34
C ASP A 224 1.27 -10.03 5.28
N ILE A 225 1.90 -11.14 5.70
CA ILE A 225 2.53 -12.04 4.75
C ILE A 225 1.52 -12.47 3.68
N PHE A 226 0.30 -12.78 4.10
CA PHE A 226 -0.77 -13.15 3.18
C PHE A 226 -1.02 -12.06 2.14
N THR A 227 -1.15 -10.80 2.57
CA THR A 227 -1.42 -9.72 1.62
C THR A 227 -0.27 -9.53 0.65
N ILE A 228 0.96 -9.84 1.07
CA ILE A 228 2.09 -9.76 0.15
C ILE A 228 1.95 -10.80 -0.97
N GLY A 229 1.56 -12.03 -0.61
CA GLY A 229 1.37 -13.05 -1.62
C GLY A 229 0.23 -12.72 -2.57
N ARG A 230 -0.88 -12.18 -2.04
CA ARG A 230 -1.98 -11.78 -2.91
C ARG A 230 -1.59 -10.62 -3.81
N THR A 231 -0.82 -9.67 -3.29
CA THR A 231 -0.36 -8.54 -4.09
C THR A 231 0.55 -9.00 -5.22
N LEU A 232 1.51 -9.87 -4.90
CA LEU A 232 2.40 -10.39 -5.94
C LEU A 232 1.61 -11.13 -7.00
N ALA A 233 0.61 -11.92 -6.60
CA ALA A 233 -0.22 -12.63 -7.57
C ALA A 233 -0.95 -11.65 -8.46
N ALA A 234 -1.53 -10.60 -7.87
CA ALA A 234 -2.29 -9.61 -8.64
C ALA A 234 -1.39 -8.85 -9.61
N LEU A 235 -0.10 -8.71 -9.27
CA LEU A 235 0.81 -7.99 -10.15
C LEU A 235 1.26 -8.81 -11.36
N THR A 236 1.12 -10.12 -11.31
CA THR A 236 1.78 -10.98 -12.28
C THR A 236 0.85 -11.81 -13.15
N MET A 237 -0.39 -12.05 -12.74
CA MET A 237 -1.23 -12.96 -13.50
C MET A 237 -2.67 -12.50 -13.39
N PRO A 238 -3.50 -12.83 -14.39
CA PRO A 238 -4.94 -12.58 -14.25
C PRO A 238 -5.50 -13.37 -13.09
N LEU A 239 -6.44 -12.76 -12.37
CA LEU A 239 -7.05 -13.41 -11.23
C LEU A 239 -8.56 -13.41 -11.37
N PRO A 240 -9.23 -14.54 -11.14
CA PRO A 240 -10.69 -14.57 -11.24
C PRO A 240 -11.33 -13.61 -10.24
N VAL A 241 -12.31 -12.86 -10.71
CA VAL A 241 -13.03 -11.90 -9.90
C VAL A 241 -14.46 -12.42 -9.72
N GLU A 242 -14.91 -12.46 -8.47
CA GLU A 242 -16.28 -12.88 -8.12
C GLU A 242 -16.93 -11.74 -7.36
N ASP A 243 -18.00 -11.17 -7.93
CA ASP A 243 -18.80 -10.16 -7.25
C ASP A 243 -17.93 -8.99 -6.79
N GLY A 244 -17.08 -8.51 -7.70
CA GLY A 244 -16.20 -7.41 -7.40
C GLY A 244 -15.00 -7.73 -6.54
N VAL A 245 -14.81 -9.00 -6.18
CA VAL A 245 -13.75 -9.40 -5.25
C VAL A 245 -12.89 -10.48 -5.91
N LEU A 246 -11.58 -10.39 -5.72
CA LEU A 246 -10.67 -11.44 -6.19
C LEU A 246 -10.99 -12.74 -5.50
N ALA A 247 -11.30 -13.77 -6.29
CA ALA A 247 -11.65 -15.07 -5.74
C ALA A 247 -10.49 -15.62 -4.90
N PRO A 248 -10.78 -16.46 -3.92
CA PRO A 248 -9.71 -17.01 -3.07
C PRO A 248 -8.84 -17.97 -3.86
N GLY A 249 -7.58 -18.07 -3.42
CA GLY A 249 -6.66 -19.04 -3.97
C GLY A 249 -5.80 -18.48 -5.09
N ILE A 250 -4.85 -19.31 -5.50
CA ILE A 250 -3.89 -19.00 -6.57
C ILE A 250 -4.29 -19.81 -7.80
N PRO A 251 -4.23 -19.24 -9.00
CA PRO A 251 -4.52 -20.03 -10.21
C PRO A 251 -3.60 -21.24 -10.31
N SER A 252 -4.11 -22.29 -10.95
CA SER A 252 -3.33 -23.52 -11.03
C SER A 252 -2.40 -23.50 -12.25
N PRO A 253 -1.24 -24.16 -12.16
CA PRO A 253 -0.39 -24.28 -13.36
C PRO A 253 -1.10 -24.90 -14.54
N LYS A 254 -2.10 -25.74 -14.27
CA LYS A 254 -2.97 -26.25 -15.32
C LYS A 254 -3.64 -25.13 -16.10
N ASN A 255 -3.90 -23.99 -15.45
CA ASN A 255 -4.57 -22.87 -16.08
C ASN A 255 -3.66 -21.69 -16.38
N SER A 256 -2.46 -21.66 -15.83
CA SER A 256 -1.56 -20.51 -15.99
C SER A 256 -0.23 -20.95 -16.58
N PRO A 257 0.10 -20.54 -17.81
CA PRO A 257 1.41 -20.90 -18.37
C PRO A 257 2.58 -20.31 -17.60
N LEU A 258 2.38 -19.16 -16.95
CA LEU A 258 3.44 -18.59 -16.12
C LEU A 258 3.80 -19.53 -14.98
N LEU A 259 2.79 -20.00 -14.24
CA LEU A 259 3.05 -20.86 -13.09
C LEU A 259 3.57 -22.23 -13.52
N ARG A 260 3.10 -22.76 -14.65
CA ARG A 260 3.63 -24.02 -15.14
C ARG A 260 5.11 -23.93 -15.47
N ARG A 261 5.58 -22.76 -15.93
CA ARG A 261 7.00 -22.60 -16.22
C ARG A 261 7.82 -22.35 -14.96
N HIS A 262 7.23 -21.71 -13.96
CA HIS A 262 7.94 -21.35 -12.72
C HIS A 262 7.19 -21.98 -11.54
N LEU A 263 7.33 -23.31 -11.40
CA LEU A 263 6.60 -24.03 -10.36
C LEU A 263 6.99 -23.59 -8.96
N SER A 264 8.25 -23.17 -8.76
CA SER A 264 8.65 -22.67 -7.45
C SER A 264 7.92 -21.38 -7.10
N PHE A 265 7.60 -20.56 -8.12
CA PHE A 265 6.82 -19.35 -7.90
C PHE A 265 5.41 -19.69 -7.44
N TYR A 266 4.78 -20.67 -8.11
CA TYR A 266 3.48 -21.16 -7.69
C TYR A 266 3.50 -21.60 -6.23
N ARG A 267 4.53 -22.36 -5.85
CA ARG A 267 4.64 -22.84 -4.48
C ARG A 267 4.80 -21.68 -3.50
N LEU A 268 5.66 -20.71 -3.83
CA LEU A 268 5.84 -19.55 -2.97
C LEU A 268 4.51 -18.82 -2.75
N LEU A 269 3.73 -18.64 -3.82
CA LEU A 269 2.48 -17.90 -3.69
C LEU A 269 1.49 -18.64 -2.79
N GLN A 270 1.40 -19.96 -2.95
CA GLN A 270 0.52 -20.75 -2.10
C GLN A 270 0.97 -20.72 -0.64
N ARG A 271 2.28 -20.80 -0.39
CA ARG A 271 2.72 -20.79 1.00
C ARG A 271 2.43 -19.44 1.64
N ALA A 272 2.71 -18.35 0.93
CA ALA A 272 2.46 -17.03 1.50
C ALA A 272 0.98 -16.78 1.75
N THR A 273 0.09 -17.46 1.01
CA THR A 273 -1.35 -17.28 1.14
C THR A 273 -2.02 -18.51 1.74
N ALA A 274 -1.28 -19.32 2.49
CA ALA A 274 -1.84 -20.51 3.10
C ALA A 274 -3.03 -20.15 3.99
N ASP A 275 -4.07 -20.96 3.94
CA ASP A 275 -5.23 -20.74 4.80
C ASP A 275 -4.83 -20.75 6.27
N ASP A 276 -3.95 -21.68 6.66
CA ASP A 276 -3.43 -21.76 8.02
C ASP A 276 -2.27 -20.78 8.18
N PRO A 277 -2.43 -19.74 8.99
CA PRO A 277 -1.33 -18.77 9.16
C PRO A 277 -0.02 -19.40 9.60
N GLN A 278 -0.08 -20.52 10.34
CA GLN A 278 1.13 -21.18 10.79
C GLN A 278 1.97 -21.76 9.65
N HIS A 279 1.37 -21.97 8.49
CA HIS A 279 2.13 -22.50 7.35
C HIS A 279 2.75 -21.42 6.48
N ARG A 280 2.34 -20.17 6.64
CA ARG A 280 2.93 -19.10 5.85
C ARG A 280 4.35 -18.83 6.31
N PHE A 281 5.09 -18.10 5.46
CA PHE A 281 6.40 -17.59 5.86
C PHE A 281 6.28 -16.89 7.21
N ARG A 282 7.26 -17.15 8.08
CA ARG A 282 7.16 -16.70 9.46
C ARG A 282 7.34 -15.20 9.59
N ASN A 283 8.13 -14.59 8.72
CA ASN A 283 8.36 -13.15 8.74
C ASN A 283 8.80 -12.72 7.34
N VAL A 284 9.10 -11.42 7.21
CA VAL A 284 9.49 -10.87 5.92
C VAL A 284 10.84 -11.43 5.46
N SER A 285 11.74 -11.67 6.41
CA SER A 285 13.07 -12.15 6.04
C SER A 285 13.01 -13.55 5.43
N GLU A 286 12.17 -14.43 5.98
CA GLU A 286 12.04 -15.77 5.41
C GLU A 286 11.42 -15.70 4.01
N LEU A 287 10.45 -14.81 3.83
CA LEU A 287 9.84 -14.62 2.51
C LEU A 287 10.84 -14.08 1.51
N ARG A 288 11.62 -13.07 1.91
CA ARG A 288 12.62 -12.47 1.03
C ARG A 288 13.61 -13.51 0.53
N THR A 289 14.11 -14.38 1.41
CA THR A 289 15.08 -15.39 1.02
C THR A 289 14.55 -16.26 -0.10
N GLN A 290 13.32 -16.77 0.05
CA GLN A 290 12.73 -17.60 -1.00
C GLN A 290 12.36 -16.77 -2.22
N LEU A 291 11.87 -15.55 -2.01
CA LEU A 291 11.45 -14.72 -3.14
C LEU A 291 12.64 -14.35 -4.01
N TYR A 292 13.73 -13.90 -3.38
CA TYR A 292 14.93 -13.60 -4.14
C TYR A 292 15.47 -14.86 -4.83
N GLY A 293 15.27 -16.02 -4.22
CA GLY A 293 15.70 -17.27 -4.87
C GLY A 293 14.87 -17.61 -6.09
N VAL A 294 13.56 -17.35 -6.03
CA VAL A 294 12.70 -17.53 -7.20
C VAL A 294 13.13 -16.59 -8.32
N LEU A 295 13.44 -15.34 -7.98
CA LEU A 295 13.86 -14.37 -8.99
C LEU A 295 15.15 -14.81 -9.68
N ARG A 296 16.13 -15.26 -8.89
CA ARG A 296 17.40 -15.69 -9.48
C ARG A 296 17.21 -16.89 -10.38
N GLU A 297 16.26 -17.78 -10.05
CA GLU A 297 15.93 -18.89 -10.93
C GLU A 297 15.33 -18.41 -12.24
N ILE A 298 14.37 -17.48 -12.16
CA ILE A 298 13.73 -16.94 -13.36
C ILE A 298 14.76 -16.23 -14.24
N LEU A 299 15.66 -15.46 -13.63
CA LEU A 299 16.66 -14.74 -14.40
C LEU A 299 17.76 -15.67 -14.92
N ALA A 300 17.94 -16.84 -14.31
CA ALA A 300 18.97 -17.76 -14.77
C ALA A 300 18.55 -18.48 -16.06
N VAL A 301 17.31 -18.96 -16.10
CA VAL A 301 16.83 -19.67 -17.28
C VAL A 301 16.64 -18.73 -18.45
MG MG B . -6.61 1.09 2.46
PG MAP C . -9.20 1.81 0.45
O1G MAP C . -8.46 1.20 1.58
O2G MAP C . -8.39 1.71 -0.94
O3G MAP C . -10.60 1.06 0.24
PB MAP C . -9.79 4.47 -0.38
O1B MAP C . -9.80 3.88 -1.74
O2B MAP C . -11.20 5.18 -0.07
N3B MAP C . -9.51 3.36 0.80
PA MAP C . -7.03 5.38 -0.56
O1A MAP C . -6.24 5.34 0.70
O2A MAP C . -6.79 4.15 -1.39
O3A MAP C . -8.59 5.51 -0.25
O5' MAP C . -6.64 6.65 -1.46
C5' MAP C . -7.26 6.86 -2.73
C4' MAP C . -6.21 7.42 -3.66
O4' MAP C . -5.59 8.56 -3.09
C3' MAP C . -5.10 6.40 -3.87
O3' MAP C . -5.44 5.62 -5.01
C2' MAP C . -3.89 7.29 -4.19
O2' MAP C . -3.83 7.43 -5.61
C1' MAP C . -4.25 8.64 -3.56
N9 MAP C . -3.35 8.90 -2.42
C8 MAP C . -3.66 8.70 -1.12
N7 MAP C . -2.60 9.06 -0.36
C5 MAP C . -1.62 9.47 -1.18
C6 MAP C . -0.24 9.98 -0.98
N6 MAP C . 0.28 10.11 0.26
N1 MAP C . 0.48 10.32 -2.07
C2 MAP C . -0.07 10.18 -3.27
N3 MAP C . -1.32 9.74 -3.53
C4 MAP C . -2.10 9.38 -2.49
MG MAP C . -8.21 3.08 -2.27
#